data_6XF3
#
_entry.id   6XF3
#
_cell.length_a   33.820
_cell.length_b   78.110
_cell.length_c   132.212
_cell.angle_alpha   90.000
_cell.angle_beta   90.000
_cell.angle_gamma   90.000
#
_symmetry.space_group_name_H-M   'P 21 21 21'
#
loop_
_entity.id
_entity.type
_entity.pdbx_description
1 polymer 'Stimulator of interferon genes protein'
2 non-polymer '(1R,3R,15E,28R,29R,30R,31R,34R,36R,39S,41R)-29,41-difluoro-34,39-disulfanyl-2,33,35,38,40,42-hexaoxa-4,6,9,11,13,18,20,22,25,27-decaaza-34,39-diphosphaoctacyclo[28.6.4.1~3,36~.1~28,31~.0~4,8~.0~7,12~.0~19,24~.0~23,27~]dotetraconta-5,7,9,11,15,19,21,23,25-nonaene 34,39-dioxide (non-preferred name)'
3 water water
#
_entity_poly.entity_id   1
_entity_poly.type   'polypeptide(L)'
_entity_poly.pdbx_seq_one_letter_code
;GSVAHGLAWSYYIGYLRLILPELQARIRTYNQHYNNLLRGAVSQRLYILLPLDCGVPDNLSMADPNIRFLDKLPQQTGDR
AGIKDRVYSNSIYELLENGQRAGTCVLEYATPLQTLFAMSQYSQAGFSREDRLEQAKLFCRTLEDILADAPESQNNCRLI
AYQEPADDSSFSLSQEVLRHLRQEEKEEV
;
_entity_poly.pdbx_strand_id   A,B
#
loop_
_chem_comp.id
_chem_comp.type
_chem_comp.name
_chem_comp.formula
V5V non-polymer '(1R,3R,15E,28R,29R,30R,31R,34R,36R,39S,41R)-29,41-difluoro-34,39-disulfanyl-2,33,35,38,40,42-hexaoxa-4,6,9,11,13,18,20,22,25,27-decaaza-34,39-diphosphaoctacyclo[28.6.4.1~3,36~.1~28,31~.0~4,8~.0~7,12~.0~19,24~.0~23,27~]dotetraconta-5,7,9,11,15,19,21,23,25-nonaene 34,39-dioxide (non-preferred name)' 'C24 H26 F2 N10 O8 P2 S2'
#
# COMPACT_ATOMS: atom_id res chain seq x y z
N SER A 2 -14.43 6.90 -13.06
CA SER A 2 -14.37 7.85 -11.89
C SER A 2 -13.25 7.46 -10.93
N VAL A 3 -12.83 8.40 -10.09
CA VAL A 3 -11.69 8.26 -9.13
C VAL A 3 -12.02 7.16 -8.12
N ALA A 4 -13.18 7.24 -7.46
CA ALA A 4 -13.58 6.35 -6.34
C ALA A 4 -13.71 4.90 -6.83
N HIS A 5 -14.21 4.70 -8.05
CA HIS A 5 -14.33 3.35 -8.70
C HIS A 5 -12.95 2.69 -8.70
N GLY A 6 -11.92 3.40 -9.19
CA GLY A 6 -10.53 2.93 -9.28
C GLY A 6 -9.91 2.69 -7.92
N LEU A 7 -10.15 3.58 -6.95
CA LEU A 7 -9.59 3.48 -5.58
C LEU A 7 -10.17 2.23 -4.90
N ALA A 8 -11.47 1.98 -5.03
CA ALA A 8 -12.18 0.82 -4.44
C ALA A 8 -11.59 -0.48 -5.01
N TRP A 9 -11.45 -0.58 -6.34
CA TRP A 9 -10.93 -1.79 -7.03
C TRP A 9 -9.48 -2.05 -6.62
N SER A 10 -8.66 -1.01 -6.49
CA SER A 10 -7.24 -1.12 -6.10
C SER A 10 -7.15 -1.53 -4.62
N TYR A 11 -8.07 -1.05 -3.78
CA TYR A 11 -8.17 -1.39 -2.35
C TYR A 11 -8.45 -2.89 -2.19
N TYR A 12 -9.29 -3.46 -3.07
CA TYR A 12 -9.56 -4.92 -3.11
C TYR A 12 -8.33 -5.65 -3.66
N ILE A 13 -7.93 -5.31 -4.89
CA ILE A 13 -6.90 -6.04 -5.70
C ILE A 13 -5.55 -5.97 -4.98
N GLY A 14 -5.20 -4.80 -4.43
CA GLY A 14 -3.87 -4.51 -3.86
C GLY A 14 -3.78 -4.75 -2.36
N TYR A 15 -4.86 -5.17 -1.70
CA TYR A 15 -4.88 -5.31 -0.21
C TYR A 15 -5.84 -6.42 0.23
N LEU A 16 -7.16 -6.20 0.16
CA LEU A 16 -8.17 -7.10 0.78
C LEU A 16 -8.08 -8.51 0.16
N ARG A 17 -7.88 -8.60 -1.16
CA ARG A 17 -7.70 -9.89 -1.88
C ARG A 17 -6.53 -10.67 -1.27
N LEU A 18 -5.45 -9.98 -0.87
CA LEU A 18 -4.18 -10.61 -0.43
C LEU A 18 -4.27 -11.01 1.06
N ILE A 19 -4.89 -10.18 1.92
CA ILE A 19 -4.81 -10.34 3.40
C ILE A 19 -6.00 -11.14 3.94
N LEU A 20 -7.20 -11.03 3.34
CA LEU A 20 -8.43 -11.62 3.93
C LEU A 20 -8.34 -13.16 3.96
N PRO A 21 -7.78 -13.82 2.92
CA PRO A 21 -7.56 -15.27 2.99
C PRO A 21 -6.66 -15.76 4.14
N GLU A 22 -5.79 -14.89 4.67
CA GLU A 22 -4.80 -15.26 5.73
C GLU A 22 -5.21 -14.67 7.09
N LEU A 23 -6.28 -13.86 7.14
CA LEU A 23 -6.63 -13.08 8.36
C LEU A 23 -7.05 -14.00 9.51
N GLN A 24 -7.88 -15.01 9.25
CA GLN A 24 -8.37 -15.98 10.27
C GLN A 24 -7.17 -16.61 10.97
N ALA A 25 -6.17 -17.06 10.20
CA ALA A 25 -4.96 -17.76 10.69
C ALA A 25 -4.11 -16.83 11.56
N ARG A 26 -4.03 -15.54 11.21
CA ARG A 26 -3.22 -14.54 11.95
C ARG A 26 -3.90 -14.20 13.27
N ILE A 27 -5.23 -14.02 13.26
CA ILE A 27 -6.03 -13.70 14.49
C ILE A 27 -6.00 -14.92 15.42
N ARG A 28 -6.14 -16.12 14.85
N ARG A 28 -6.14 -16.12 14.85
CA ARG A 28 -6.08 -17.41 15.59
CA ARG A 28 -6.09 -17.40 15.60
C ARG A 28 -4.70 -17.53 16.26
C ARG A 28 -4.70 -17.54 16.26
N THR A 29 -3.63 -17.27 15.52
CA THR A 29 -2.23 -17.30 16.01
C THR A 29 -2.10 -16.34 17.21
N TYR A 30 -2.66 -15.13 17.11
CA TYR A 30 -2.59 -14.09 18.17
C TYR A 30 -3.35 -14.59 19.40
N ASN A 31 -4.59 -15.06 19.22
CA ASN A 31 -5.48 -15.50 20.32
C ASN A 31 -4.87 -16.71 21.04
N GLN A 32 -4.13 -17.56 20.36
CA GLN A 32 -3.63 -18.84 20.93
C GLN A 32 -2.24 -18.66 21.54
N HIS A 33 -1.42 -17.71 21.07
CA HIS A 33 0.02 -17.61 21.45
C HIS A 33 0.42 -16.26 22.03
N TYR A 34 -0.19 -15.15 21.61
CA TYR A 34 0.25 -13.78 21.96
C TYR A 34 -0.69 -13.14 22.99
N ASN A 35 -2.00 -13.41 22.92
CA ASN A 35 -3.02 -12.72 23.75
C ASN A 35 -2.79 -13.10 25.22
N ASN A 36 -2.77 -12.10 26.11
CA ASN A 36 -2.54 -12.30 27.57
C ASN A 36 -3.69 -13.13 28.13
N LEU A 37 -3.40 -13.93 29.16
CA LEU A 37 -4.23 -15.06 29.65
C LEU A 37 -5.66 -14.59 29.91
N LEU A 38 -5.85 -13.37 30.44
CA LEU A 38 -7.16 -12.89 30.96
C LEU A 38 -7.85 -11.92 29.98
N ARG A 39 -7.20 -11.58 28.87
N ARG A 39 -7.20 -11.57 28.87
CA ARG A 39 -7.76 -10.65 27.85
CA ARG A 39 -7.77 -10.64 27.86
C ARG A 39 -8.77 -11.39 26.98
C ARG A 39 -8.77 -11.39 26.98
N GLY A 40 -9.87 -10.72 26.63
CA GLY A 40 -10.90 -11.24 25.71
C GLY A 40 -10.29 -11.53 24.36
N ALA A 41 -10.76 -12.60 23.69
CA ALA A 41 -10.32 -13.00 22.34
C ALA A 41 -10.49 -11.82 21.38
N VAL A 42 -9.53 -11.63 20.48
CA VAL A 42 -9.64 -10.74 19.29
C VAL A 42 -10.70 -11.34 18.35
N SER A 43 -11.70 -10.55 17.96
CA SER A 43 -12.81 -10.99 17.07
C SER A 43 -12.23 -11.33 15.69
N GLN A 44 -12.97 -12.11 14.92
CA GLN A 44 -12.47 -12.90 13.77
C GLN A 44 -12.51 -12.12 12.44
N ARG A 45 -13.04 -10.88 12.45
N ARG A 45 -13.04 -10.88 12.45
CA ARG A 45 -13.26 -10.10 11.21
CA ARG A 45 -13.26 -10.10 11.21
C ARG A 45 -12.38 -8.85 11.21
C ARG A 45 -12.38 -8.85 11.21
N LEU A 46 -11.99 -8.38 10.02
CA LEU A 46 -11.35 -7.06 9.81
C LEU A 46 -12.46 -6.02 9.80
N TYR A 47 -12.40 -5.05 10.71
CA TYR A 47 -13.37 -3.92 10.80
C TYR A 47 -12.76 -2.69 10.13
N ILE A 48 -13.42 -2.21 9.07
CA ILE A 48 -12.93 -1.11 8.18
C ILE A 48 -13.83 0.10 8.38
N LEU A 49 -13.27 1.18 8.93
CA LEU A 49 -13.98 2.46 9.18
C LEU A 49 -14.02 3.25 7.87
N LEU A 50 -15.22 3.64 7.45
CA LEU A 50 -15.47 4.40 6.20
C LEU A 50 -16.18 5.70 6.56
N PRO A 51 -15.49 6.69 7.16
CA PRO A 51 -16.10 7.99 7.43
C PRO A 51 -16.38 8.69 6.09
N LEU A 52 -17.64 9.08 5.85
CA LEU A 52 -18.08 9.65 4.55
C LEU A 52 -17.53 11.08 4.38
N ASP A 53 -17.13 11.76 5.46
CA ASP A 53 -16.45 13.08 5.39
C ASP A 53 -14.96 12.90 5.04
N CYS A 54 -14.48 11.65 4.95
CA CYS A 54 -13.09 11.29 4.52
C CYS A 54 -12.04 11.80 5.52
N GLY A 55 -12.46 12.15 6.74
CA GLY A 55 -11.56 12.50 7.84
C GLY A 55 -10.90 11.26 8.42
N VAL A 56 -9.65 11.00 8.03
CA VAL A 56 -8.89 9.78 8.41
C VAL A 56 -7.66 10.21 9.21
N PRO A 57 -7.78 10.32 10.56
CA PRO A 57 -6.60 10.54 11.40
C PRO A 57 -5.70 9.30 11.41
N ASP A 58 -4.42 9.49 11.75
CA ASP A 58 -3.40 8.40 11.76
C ASP A 58 -3.56 7.55 13.03
N ASN A 59 -4.04 8.15 14.13
CA ASN A 59 -4.23 7.49 15.44
C ASN A 59 -5.73 7.39 15.75
N LEU A 60 -6.22 6.20 16.09
CA LEU A 60 -7.65 5.92 16.41
C LEU A 60 -8.01 6.48 17.80
N SER A 61 -7.06 6.53 18.72
CA SER A 61 -7.23 7.12 20.08
C SER A 61 -7.61 8.60 19.98
N MET A 62 -7.14 9.28 18.92
N MET A 62 -7.14 9.28 18.92
CA MET A 62 -7.49 10.70 18.61
CA MET A 62 -7.47 10.69 18.59
C MET A 62 -8.99 10.83 18.35
C MET A 62 -8.98 10.83 18.35
N ALA A 63 -9.55 9.99 17.48
CA ALA A 63 -10.97 10.04 17.05
C ALA A 63 -11.91 9.69 18.20
N ASP A 64 -11.47 8.82 19.11
CA ASP A 64 -12.23 8.39 20.31
C ASP A 64 -11.25 7.75 21.29
N PRO A 65 -11.04 8.31 22.51
CA PRO A 65 -10.08 7.74 23.45
C PRO A 65 -10.52 6.38 24.02
N ASN A 66 -11.79 6.01 23.81
CA ASN A 66 -12.35 4.67 24.16
C ASN A 66 -11.92 3.61 23.14
N ILE A 67 -11.18 3.99 22.09
CA ILE A 67 -10.44 3.04 21.20
C ILE A 67 -8.98 3.05 21.65
N ARG A 68 -8.55 1.97 22.31
CA ARG A 68 -7.19 1.83 22.89
C ARG A 68 -6.40 0.80 22.09
N PHE A 69 -5.25 1.19 21.55
CA PHE A 69 -4.28 0.28 20.90
C PHE A 69 -3.86 -0.79 21.90
N LEU A 70 -4.01 -2.06 21.53
CA LEU A 70 -3.59 -3.23 22.35
C LEU A 70 -2.25 -3.74 21.82
N ASP A 71 -2.21 -4.13 20.56
CA ASP A 71 -1.07 -4.89 19.98
C ASP A 71 -1.21 -4.95 18.45
N LYS A 72 -0.14 -5.39 17.79
CA LYS A 72 -0.13 -5.67 16.33
C LYS A 72 -0.33 -7.17 16.14
N LEU A 73 -1.04 -7.53 15.06
CA LEU A 73 -1.20 -8.92 14.57
C LEU A 73 0.17 -9.43 14.14
N PRO A 74 0.42 -10.77 14.10
CA PRO A 74 1.62 -11.29 13.45
C PRO A 74 1.57 -10.83 11.99
N GLN A 75 2.68 -10.29 11.47
CA GLN A 75 2.67 -9.62 10.14
C GLN A 75 2.66 -10.68 9.03
N GLN A 76 2.06 -10.33 7.89
CA GLN A 76 2.03 -11.13 6.65
C GLN A 76 2.99 -10.45 5.66
N THR A 77 3.76 -11.24 4.91
CA THR A 77 4.67 -10.73 3.85
C THR A 77 4.36 -11.40 2.52
N GLY A 78 4.61 -10.68 1.44
CA GLY A 78 4.50 -11.18 0.06
C GLY A 78 5.36 -10.37 -0.89
N ASP A 79 6.08 -11.03 -1.79
CA ASP A 79 6.75 -10.37 -2.94
C ASP A 79 5.65 -9.79 -3.82
N ARG A 80 5.79 -8.53 -4.24
N ARG A 80 5.77 -8.51 -4.21
CA ARG A 80 4.80 -7.85 -5.11
CA ARG A 80 4.79 -7.89 -5.15
C ARG A 80 5.43 -6.67 -5.85
C ARG A 80 5.43 -6.68 -5.86
N ALA A 81 5.30 -6.67 -7.19
CA ALA A 81 5.70 -5.57 -8.10
C ALA A 81 7.16 -5.18 -7.89
N GLY A 82 8.03 -6.16 -7.63
CA GLY A 82 9.49 -5.98 -7.53
C GLY A 82 9.95 -5.65 -6.12
N ILE A 83 9.03 -5.54 -5.16
CA ILE A 83 9.37 -5.33 -3.72
C ILE A 83 9.33 -6.70 -3.03
N LYS A 84 10.49 -7.18 -2.58
CA LYS A 84 10.61 -8.45 -1.81
C LYS A 84 10.06 -8.24 -0.41
N ASP A 85 9.20 -9.15 0.04
CA ASP A 85 8.68 -9.22 1.44
C ASP A 85 8.00 -7.89 1.81
N ARG A 86 7.09 -7.40 0.94
N ARG A 86 7.10 -7.41 0.95
CA ARG A 86 6.20 -6.26 1.26
CA ARG A 86 6.19 -6.27 1.25
C ARG A 86 5.34 -6.68 2.46
C ARG A 86 5.34 -6.69 2.45
N VAL A 87 5.32 -5.89 3.52
CA VAL A 87 4.73 -6.33 4.82
C VAL A 87 3.36 -5.68 5.03
N TYR A 88 2.40 -6.54 5.34
CA TYR A 88 0.99 -6.22 5.70
C TYR A 88 0.88 -6.33 7.21
N SER A 89 0.83 -5.18 7.89
CA SER A 89 0.68 -5.07 9.36
C SER A 89 -0.73 -4.57 9.66
N ASN A 90 -1.35 -5.12 10.71
CA ASN A 90 -2.71 -4.74 11.18
C ASN A 90 -2.66 -4.57 12.69
N SER A 91 -3.41 -3.59 13.20
CA SER A 91 -3.39 -3.17 14.63
C SER A 91 -4.68 -3.64 15.32
N ILE A 92 -4.54 -4.18 16.53
CA ILE A 92 -5.66 -4.68 17.38
C ILE A 92 -6.02 -3.59 18.38
N TYR A 93 -7.32 -3.35 18.58
CA TYR A 93 -7.85 -2.27 19.46
C TYR A 93 -8.86 -2.86 20.45
N GLU A 94 -8.74 -2.45 21.72
CA GLU A 94 -9.76 -2.64 22.77
C GLU A 94 -10.74 -1.47 22.68
N LEU A 95 -12.04 -1.77 22.65
CA LEU A 95 -13.13 -0.77 22.62
C LEU A 95 -13.74 -0.69 24.03
N LEU A 96 -13.58 0.46 24.69
CA LEU A 96 -13.91 0.64 26.12
C LEU A 96 -15.35 1.14 26.26
N GLU A 97 -16.04 0.64 27.29
CA GLU A 97 -17.38 1.10 27.73
C GLU A 97 -17.30 1.27 29.26
N ASN A 98 -17.41 2.52 29.74
CA ASN A 98 -17.28 2.88 31.17
C ASN A 98 -15.90 2.44 31.69
N GLY A 99 -14.86 2.71 30.90
CA GLY A 99 -13.45 2.54 31.32
C GLY A 99 -12.96 1.12 31.16
N GLN A 100 -13.83 0.16 30.80
CA GLN A 100 -13.50 -1.29 30.75
C GLN A 100 -13.77 -1.86 29.36
N ARG A 101 -12.98 -2.86 28.94
CA ARG A 101 -13.06 -3.48 27.60
C ARG A 101 -14.42 -4.14 27.41
N ALA A 102 -15.14 -3.76 26.35
CA ALA A 102 -16.43 -4.34 25.92
C ALA A 102 -16.23 -5.23 24.69
N GLY A 103 -15.15 -5.02 23.93
CA GLY A 103 -14.76 -5.86 22.79
C GLY A 103 -13.33 -5.59 22.34
N THR A 104 -12.75 -6.53 21.57
CA THR A 104 -11.41 -6.42 20.95
C THR A 104 -11.52 -6.84 19.47
N CYS A 105 -10.93 -6.07 18.55
CA CYS A 105 -10.99 -6.35 17.10
C CYS A 105 -9.80 -5.73 16.36
N VAL A 106 -9.51 -6.27 15.18
CA VAL A 106 -8.59 -5.68 14.17
C VAL A 106 -9.38 -4.56 13.47
N LEU A 107 -8.91 -3.33 13.60
CA LEU A 107 -9.67 -2.10 13.24
C LEU A 107 -8.73 -1.14 12.52
N GLU A 108 -9.20 -0.53 11.43
CA GLU A 108 -8.43 0.48 10.67
C GLU A 108 -9.40 1.27 9.80
N TYR A 109 -8.96 2.45 9.36
CA TYR A 109 -9.65 3.27 8.32
C TYR A 109 -9.34 2.66 6.95
N ALA A 110 -10.25 2.82 6.00
CA ALA A 110 -10.01 2.61 4.56
C ALA A 110 -9.15 3.77 4.03
N THR A 111 -7.83 3.55 3.95
CA THR A 111 -6.79 4.60 3.68
C THR A 111 -7.11 5.40 2.41
N PRO A 112 -7.67 4.81 1.33
CA PRO A 112 -7.96 5.58 0.11
C PRO A 112 -8.84 6.82 0.30
N LEU A 113 -9.64 6.88 1.38
CA LEU A 113 -10.48 8.07 1.70
C LEU A 113 -9.57 9.28 1.98
N GLN A 114 -8.37 9.06 2.50
CA GLN A 114 -7.32 10.11 2.73
C GLN A 114 -6.97 10.79 1.40
N THR A 115 -6.90 10.01 0.31
CA THR A 115 -6.61 10.51 -1.05
C THR A 115 -7.76 11.43 -1.49
N LEU A 116 -9.02 11.03 -1.27
CA LEU A 116 -10.20 11.84 -1.61
C LEU A 116 -10.17 13.13 -0.78
N PHE A 117 -9.74 13.05 0.49
CA PHE A 117 -9.67 14.22 1.40
C PHE A 117 -8.58 15.19 0.92
N ALA A 118 -7.36 14.69 0.70
CA ALA A 118 -6.19 15.47 0.23
C ALA A 118 -6.53 16.16 -1.10
N MET A 119 -7.25 15.46 -1.98
CA MET A 119 -7.83 16.04 -3.23
C MET A 119 -8.92 17.05 -2.83
N PHE A 127 -13.71 20.62 -6.74
CA PHE A 127 -13.95 19.38 -5.96
C PHE A 127 -14.30 19.76 -4.51
N SER A 128 -15.58 20.08 -4.27
CA SER A 128 -16.11 20.59 -2.98
C SER A 128 -16.41 19.44 -2.02
N ARG A 129 -16.75 19.81 -0.78
CA ARG A 129 -17.15 18.88 0.33
C ARG A 129 -18.32 18.01 -0.15
N GLU A 130 -19.24 18.56 -0.94
CA GLU A 130 -20.44 17.86 -1.48
C GLU A 130 -19.99 16.78 -2.48
N ASP A 131 -19.07 17.12 -3.39
CA ASP A 131 -18.51 16.21 -4.41
C ASP A 131 -17.70 15.09 -3.73
N ARG A 132 -16.95 15.44 -2.68
CA ARG A 132 -16.10 14.50 -1.91
C ARG A 132 -16.98 13.47 -1.20
N LEU A 133 -18.12 13.91 -0.65
CA LEU A 133 -19.13 13.04 -0.01
C LEU A 133 -19.70 12.05 -1.02
N GLU A 134 -19.94 12.50 -2.26
CA GLU A 134 -20.43 11.65 -3.38
C GLU A 134 -19.37 10.61 -3.74
N GLN A 135 -18.09 11.01 -3.83
CA GLN A 135 -16.97 10.08 -4.15
C GLN A 135 -16.81 9.04 -3.03
N ALA A 136 -16.91 9.46 -1.76
CA ALA A 136 -16.81 8.56 -0.58
C ALA A 136 -17.93 7.51 -0.64
N LYS A 137 -19.16 7.94 -0.94
CA LYS A 137 -20.34 7.04 -1.06
C LYS A 137 -20.13 6.06 -2.23
N LEU A 138 -19.63 6.55 -3.36
CA LEU A 138 -19.30 5.70 -4.55
C LEU A 138 -18.22 4.68 -4.17
N PHE A 139 -17.19 5.10 -3.44
CA PHE A 139 -16.11 4.20 -2.95
C PHE A 139 -16.72 3.04 -2.16
N CYS A 140 -17.60 3.35 -1.21
CA CYS A 140 -18.27 2.37 -0.31
C CYS A 140 -19.18 1.44 -1.13
N ARG A 141 -20.02 2.02 -1.99
CA ARG A 141 -20.98 1.30 -2.89
C ARG A 141 -20.21 0.28 -3.73
N THR A 142 -19.13 0.73 -4.39
CA THR A 142 -18.29 -0.10 -5.29
C THR A 142 -17.62 -1.23 -4.49
N LEU A 143 -17.00 -0.89 -3.35
CA LEU A 143 -16.29 -1.86 -2.49
C LEU A 143 -17.28 -2.93 -1.98
N GLU A 144 -18.50 -2.52 -1.61
CA GLU A 144 -19.59 -3.43 -1.17
C GLU A 144 -19.88 -4.45 -2.27
N ASP A 145 -20.01 -4.00 -3.53
CA ASP A 145 -20.32 -4.86 -4.70
C ASP A 145 -19.17 -5.84 -4.95
N ILE A 146 -17.92 -5.39 -4.88
CA ILE A 146 -16.70 -6.22 -5.09
C ILE A 146 -16.70 -7.35 -4.05
N LEU A 147 -16.86 -7.01 -2.76
CA LEU A 147 -16.78 -7.98 -1.64
C LEU A 147 -17.98 -8.92 -1.64
N ALA A 148 -19.16 -8.47 -2.10
CA ALA A 148 -20.38 -9.29 -2.25
C ALA A 148 -20.10 -10.45 -3.22
N ASP A 149 -19.25 -10.22 -4.21
CA ASP A 149 -18.96 -11.16 -5.34
C ASP A 149 -17.66 -11.93 -5.11
N ALA A 150 -16.81 -11.50 -4.17
CA ALA A 150 -15.41 -11.98 -4.02
C ALA A 150 -15.34 -13.21 -3.12
N PRO A 151 -14.62 -14.28 -3.55
CA PRO A 151 -14.51 -15.50 -2.73
C PRO A 151 -13.66 -15.32 -1.46
N GLU A 152 -12.81 -14.29 -1.41
CA GLU A 152 -11.93 -13.97 -0.25
C GLU A 152 -12.78 -13.41 0.90
N SER A 153 -13.87 -12.71 0.60
CA SER A 153 -14.85 -12.18 1.58
C SER A 153 -15.82 -13.30 2.00
N GLN A 154 -15.59 -13.90 3.16
CA GLN A 154 -16.39 -15.01 3.72
C GLN A 154 -16.72 -14.69 5.18
N ASN A 155 -17.48 -13.61 5.40
CA ASN A 155 -17.89 -13.15 6.76
C ASN A 155 -16.63 -12.93 7.62
N ASN A 156 -15.56 -12.36 7.04
CA ASN A 156 -14.26 -12.09 7.70
C ASN A 156 -13.86 -10.62 7.50
N CYS A 157 -14.81 -9.80 7.07
CA CYS A 157 -14.62 -8.37 6.71
C CYS A 157 -15.93 -7.62 6.95
N ARG A 158 -15.88 -6.50 7.67
CA ARG A 158 -17.07 -5.67 7.99
C ARG A 158 -16.80 -4.20 7.68
N LEU A 159 -17.57 -3.64 6.74
CA LEU A 159 -17.51 -2.22 6.35
C LEU A 159 -18.39 -1.42 7.32
N ILE A 160 -17.83 -0.39 7.95
CA ILE A 160 -18.56 0.51 8.90
C ILE A 160 -18.54 1.92 8.29
N ALA A 161 -19.57 2.25 7.49
CA ALA A 161 -19.78 3.56 6.86
C ALA A 161 -20.65 4.43 7.76
N TYR A 162 -20.25 5.68 8.00
CA TYR A 162 -20.96 6.60 8.92
C TYR A 162 -20.70 8.06 8.52
N GLN A 163 -21.69 8.90 8.81
CA GLN A 163 -21.64 10.38 8.67
C GLN A 163 -21.67 10.97 10.08
N GLU A 164 -20.66 11.77 10.46
CA GLU A 164 -20.64 12.50 11.75
C GLU A 164 -21.51 13.74 11.63
N PRO A 165 -22.37 14.05 12.63
CA PRO A 165 -23.21 15.26 12.57
C PRO A 165 -22.44 16.54 12.92
N SER A 170 -20.69 14.25 20.59
CA SER A 170 -22.12 13.93 20.26
C SER A 170 -22.24 12.68 19.38
N PHE A 171 -21.15 12.22 18.76
CA PHE A 171 -21.02 10.91 18.07
C PHE A 171 -19.93 10.07 18.75
N SER A 172 -20.17 8.77 18.89
CA SER A 172 -19.26 7.79 19.54
C SER A 172 -18.79 6.74 18.52
N LEU A 173 -17.53 6.83 18.08
CA LEU A 173 -16.92 5.87 17.14
C LEU A 173 -16.87 4.47 17.78
N SER A 174 -16.50 4.40 19.06
CA SER A 174 -16.39 3.13 19.84
C SER A 174 -17.75 2.42 19.88
N GLN A 175 -18.84 3.16 20.14
CA GLN A 175 -20.21 2.59 20.20
C GLN A 175 -20.62 2.09 18.80
N GLU A 176 -20.24 2.82 17.75
CA GLU A 176 -20.53 2.45 16.34
C GLU A 176 -19.86 1.10 16.03
N VAL A 177 -18.60 0.93 16.44
CA VAL A 177 -17.85 -0.34 16.19
C VAL A 177 -18.45 -1.45 17.05
N LEU A 178 -18.73 -1.18 18.33
CA LEU A 178 -19.27 -2.19 19.30
C LEU A 178 -20.63 -2.70 18.81
N ARG A 179 -21.44 -1.83 18.19
CA ARG A 179 -22.74 -2.19 17.55
C ARG A 179 -22.50 -3.34 16.55
N HIS A 180 -21.51 -3.21 15.68
CA HIS A 180 -21.16 -4.19 14.62
C HIS A 180 -20.57 -5.46 15.23
N LEU A 181 -19.67 -5.34 16.23
CA LEU A 181 -19.04 -6.49 16.93
C LEU A 181 -20.12 -7.40 17.52
N ARG A 182 -21.12 -6.80 18.19
CA ARG A 182 -22.21 -7.52 18.90
C ARG A 182 -23.13 -8.24 17.90
N GLN A 183 -23.38 -7.63 16.72
CA GLN A 183 -24.24 -8.21 15.66
C GLN A 183 -23.65 -9.54 15.17
N GLU A 184 -22.32 -9.66 15.11
CA GLU A 184 -21.62 -10.84 14.55
C GLU A 184 -21.71 -12.04 15.51
N GLU A 185 -21.64 -11.80 16.82
CA GLU A 185 -21.93 -12.82 17.87
C GLU A 185 -23.45 -12.88 18.07
N SER B 2 -11.59 10.06 -14.11
CA SER B 2 -11.01 8.82 -14.71
C SER B 2 -10.28 7.99 -13.65
N VAL B 3 -10.15 6.69 -13.91
CA VAL B 3 -9.53 5.70 -12.98
C VAL B 3 -8.06 6.04 -12.78
N ALA B 4 -7.30 6.21 -13.87
CA ALA B 4 -5.84 6.41 -13.87
C ALA B 4 -5.47 7.70 -13.12
N HIS B 5 -6.27 8.76 -13.27
CA HIS B 5 -6.11 10.06 -12.56
C HIS B 5 -6.06 9.81 -11.06
N GLY B 6 -7.03 9.07 -10.54
CA GLY B 6 -7.16 8.71 -9.11
C GLY B 6 -6.04 7.80 -8.64
N LEU B 7 -5.65 6.82 -9.44
CA LEU B 7 -4.58 5.85 -9.09
C LEU B 7 -3.24 6.60 -8.98
N ALA B 8 -2.95 7.51 -9.91
CA ALA B 8 -1.71 8.32 -9.94
C ALA B 8 -1.63 9.20 -8.69
N TRP B 9 -2.71 9.91 -8.36
CA TRP B 9 -2.77 10.82 -7.19
C TRP B 9 -2.62 10.02 -5.88
N SER B 10 -3.23 8.84 -5.79
CA SER B 10 -3.13 7.97 -4.58
C SER B 10 -1.71 7.41 -4.47
N TYR B 11 -1.06 7.10 -5.61
CA TYR B 11 0.33 6.60 -5.68
C TYR B 11 1.29 7.67 -5.12
N TYR B 12 1.02 8.94 -5.41
CA TYR B 12 1.77 10.09 -4.83
C TYR B 12 1.41 10.24 -3.35
N ILE B 13 0.12 10.45 -3.05
CA ILE B 13 -0.38 10.83 -1.70
C ILE B 13 -0.10 9.69 -0.69
N GLY B 14 -0.31 8.44 -1.10
CA GLY B 14 -0.25 7.26 -0.21
C GLY B 14 1.11 6.59 -0.19
N TYR B 15 2.10 7.07 -0.94
CA TYR B 15 3.42 6.40 -1.07
C TYR B 15 4.54 7.41 -1.33
N LEU B 16 4.65 7.96 -2.55
CA LEU B 16 5.82 8.77 -2.97
C LEU B 16 5.98 10.01 -2.08
N ARG B 17 4.87 10.65 -1.69
CA ARG B 17 4.88 11.83 -0.76
C ARG B 17 5.55 11.44 0.56
N LEU B 18 5.32 10.20 1.02
CA LEU B 18 5.76 9.74 2.36
C LEU B 18 7.22 9.27 2.31
N ILE B 19 7.65 8.56 1.26
CA ILE B 19 8.96 7.86 1.24
C ILE B 19 10.06 8.70 0.59
N LEU B 20 9.75 9.56 -0.40
CA LEU B 20 10.79 10.31 -1.16
C LEU B 20 11.56 11.27 -0.24
N PRO B 21 10.91 11.98 0.71
CA PRO B 21 11.63 12.80 1.68
C PRO B 21 12.68 12.07 2.55
N GLU B 22 12.52 10.76 2.73
CA GLU B 22 13.39 9.93 3.61
C GLU B 22 14.34 9.05 2.79
N LEU B 23 14.18 9.00 1.46
CA LEU B 23 14.88 8.03 0.58
C LEU B 23 16.40 8.30 0.58
N GLN B 24 16.82 9.56 0.44
CA GLN B 24 18.26 9.95 0.37
C GLN B 24 18.96 9.42 1.62
N ALA B 25 18.37 9.63 2.80
CA ALA B 25 18.93 9.26 4.12
C ALA B 25 19.04 7.74 4.26
N ARG B 26 18.08 6.98 3.72
CA ARG B 26 18.07 5.49 3.79
C ARG B 26 19.17 4.91 2.88
N ILE B 27 19.30 5.45 1.66
CA ILE B 27 20.31 4.99 0.67
C ILE B 27 21.70 5.39 1.19
N ARG B 28 21.83 6.59 1.75
N ARG B 28 21.82 6.59 1.74
CA ARG B 28 23.09 7.09 2.35
CA ARG B 28 23.07 7.11 2.37
C ARG B 28 23.49 6.18 3.51
C ARG B 28 23.49 6.16 3.50
N THR B 29 22.55 5.83 4.40
CA THR B 29 22.78 4.90 5.54
C THR B 29 23.32 3.55 5.00
N TYR B 30 22.73 3.03 3.93
CA TYR B 30 23.12 1.74 3.32
C TYR B 30 24.54 1.84 2.73
N ASN B 31 24.80 2.89 1.96
CA ASN B 31 26.10 3.12 1.25
C ASN B 31 27.23 3.39 2.27
N GLN B 32 26.92 3.89 3.47
CA GLN B 32 27.94 4.27 4.50
C GLN B 32 28.51 3.03 5.21
N HIS B 33 27.83 1.88 5.14
CA HIS B 33 28.37 0.56 5.56
C HIS B 33 29.41 0.10 4.54
N TYR B 34 30.68 0.03 4.94
CA TYR B 34 31.83 -0.19 4.03
C TYR B 34 31.67 -1.50 3.27
N ASN B 35 31.14 -2.55 3.90
CA ASN B 35 30.97 -3.88 3.24
C ASN B 35 29.89 -3.77 2.14
N ASN B 36 28.88 -2.92 2.31
CA ASN B 36 27.89 -2.63 1.23
C ASN B 36 28.62 -1.93 0.09
N LEU B 37 29.35 -0.84 0.39
CA LEU B 37 29.94 0.05 -0.64
C LEU B 37 30.96 -0.73 -1.48
N LEU B 38 31.64 -1.72 -0.90
CA LEU B 38 32.67 -2.55 -1.60
C LEU B 38 32.04 -3.36 -2.74
N ARG B 39 30.78 -3.79 -2.59
N ARG B 39 30.79 -3.79 -2.58
CA ARG B 39 30.00 -4.49 -3.63
CA ARG B 39 29.99 -4.49 -3.62
C ARG B 39 29.61 -3.51 -4.75
C ARG B 39 29.63 -3.51 -4.74
N GLY B 40 29.31 -2.25 -4.38
CA GLY B 40 28.96 -1.19 -5.33
C GLY B 40 28.03 -0.17 -4.70
N ALA B 41 28.19 1.10 -5.06
CA ALA B 41 27.37 2.21 -4.54
C ALA B 41 25.93 2.05 -5.04
N VAL B 42 24.95 2.13 -4.16
CA VAL B 42 23.51 2.18 -4.55
C VAL B 42 23.25 3.59 -5.09
N SER B 43 22.66 3.71 -6.28
CA SER B 43 22.26 4.99 -6.90
C SER B 43 21.28 5.74 -5.98
N GLN B 44 21.20 7.07 -6.09
CA GLN B 44 20.51 7.93 -5.10
C GLN B 44 19.05 8.19 -5.48
N ARG B 45 18.53 7.57 -6.55
CA ARG B 45 17.13 7.74 -6.98
C ARG B 45 16.34 6.44 -6.82
N LEU B 46 15.05 6.56 -6.54
CA LEU B 46 14.06 5.46 -6.70
C LEU B 46 13.73 5.33 -8.19
N TYR B 47 13.97 4.16 -8.77
CA TYR B 47 13.67 3.85 -10.19
C TYR B 47 12.35 3.09 -10.25
N ILE B 48 11.36 3.67 -10.93
CA ILE B 48 9.96 3.15 -10.99
C ILE B 48 9.67 2.71 -12.44
N LEU B 49 9.49 1.41 -12.62
CA LEU B 49 9.17 0.80 -13.94
C LEU B 49 7.68 1.01 -14.24
N LEU B 50 7.38 1.60 -15.40
CA LEU B 50 6.01 1.90 -15.88
C LEU B 50 5.80 1.17 -17.20
N PRO B 51 5.62 -0.17 -17.21
CA PRO B 51 5.31 -0.88 -18.45
C PRO B 51 3.91 -0.47 -18.91
N LEU B 52 3.78 0.02 -20.14
CA LEU B 52 2.51 0.57 -20.67
C LEU B 52 1.50 -0.57 -20.95
N ASP B 53 1.96 -1.82 -21.09
CA ASP B 53 1.06 -3.01 -21.21
C ASP B 53 0.54 -3.42 -19.83
N CYS B 54 1.02 -2.78 -18.75
CA CYS B 54 0.56 -2.97 -17.35
C CYS B 54 0.89 -4.39 -16.84
N GLY B 55 1.80 -5.09 -17.52
CA GLY B 55 2.33 -6.39 -17.05
C GLY B 55 3.30 -6.18 -15.89
N VAL B 56 2.84 -6.44 -14.67
CA VAL B 56 3.63 -6.23 -13.42
C VAL B 56 3.83 -7.57 -12.73
N PRO B 57 4.91 -8.31 -13.06
CA PRO B 57 5.27 -9.52 -12.32
C PRO B 57 5.75 -9.16 -10.90
N ASP B 58 5.71 -10.13 -9.99
CA ASP B 58 6.06 -9.94 -8.57
C ASP B 58 7.60 -9.97 -8.41
N ASN B 59 8.31 -10.72 -9.26
CA ASN B 59 9.78 -10.89 -9.20
C ASN B 59 10.42 -10.25 -10.44
N LEU B 60 11.42 -9.39 -10.26
CA LEU B 60 12.15 -8.70 -11.37
C LEU B 60 13.10 -9.69 -12.05
N SER B 61 13.65 -10.67 -11.33
CA SER B 61 14.53 -11.74 -11.87
C SER B 61 13.78 -12.58 -12.92
N MET B 62 12.46 -12.70 -12.73
CA MET B 62 11.48 -13.37 -13.63
C MET B 62 11.47 -12.63 -14.97
N ALA B 63 11.28 -11.31 -14.95
CA ALA B 63 11.14 -10.45 -16.16
C ALA B 63 12.48 -10.37 -16.92
N ASP B 64 13.60 -10.43 -16.22
CA ASP B 64 14.97 -10.36 -16.79
C ASP B 64 15.97 -10.92 -15.76
N PRO B 65 16.67 -12.03 -16.04
CA PRO B 65 17.58 -12.61 -15.06
C PRO B 65 18.83 -11.75 -14.81
N ASN B 66 19.07 -10.74 -15.65
CA ASN B 66 20.16 -9.74 -15.49
C ASN B 66 19.79 -8.71 -14.42
N ILE B 67 18.56 -8.76 -13.88
CA ILE B 67 18.16 -7.98 -12.67
C ILE B 67 18.20 -8.93 -11.48
N ARG B 68 19.21 -8.82 -10.61
CA ARG B 68 19.45 -9.74 -9.47
C ARG B 68 19.20 -9.01 -8.15
N PHE B 69 18.29 -9.53 -7.32
CA PHE B 69 18.05 -9.05 -5.94
C PHE B 69 19.36 -9.10 -5.14
N LEU B 70 19.75 -7.97 -4.56
CA LEU B 70 20.96 -7.85 -3.69
C LEU B 70 20.52 -7.86 -2.23
N ASP B 71 19.67 -6.90 -1.85
CA ASP B 71 19.38 -6.60 -0.43
C ASP B 71 18.17 -5.68 -0.35
N LYS B 72 17.62 -5.52 0.87
CA LYS B 72 16.55 -4.54 1.18
C LYS B 72 17.20 -3.30 1.80
N LEU B 73 16.65 -2.13 1.50
CA LEU B 73 16.99 -0.85 2.17
C LEU B 73 16.56 -0.97 3.63
N PRO B 74 17.13 -0.21 4.59
CA PRO B 74 16.58 -0.17 5.94
C PRO B 74 15.14 0.37 5.83
N GLN B 75 14.18 -0.30 6.46
CA GLN B 75 12.74 -0.02 6.25
C GLN B 75 12.37 1.29 6.98
N GLN B 76 11.40 2.00 6.42
CA GLN B 76 10.76 3.20 7.00
C GLN B 76 9.40 2.78 7.58
N THR B 77 9.03 3.31 8.74
CA THR B 77 7.73 3.04 9.40
C THR B 77 6.99 4.35 9.67
N GLY B 78 5.67 4.27 9.67
CA GLY B 78 4.79 5.41 9.97
C GLY B 78 3.40 4.92 10.36
N ASP B 79 2.83 5.49 11.41
CA ASP B 79 1.40 5.32 11.74
C ASP B 79 0.59 5.94 10.61
N ARG B 80 -0.42 5.24 10.10
CA ARG B 80 -1.29 5.77 9.02
C ARG B 80 -2.64 5.05 9.01
N ALA B 81 -3.72 5.84 9.05
CA ALA B 81 -5.14 5.42 8.96
C ALA B 81 -5.46 4.34 9.99
N GLY B 82 -4.87 4.43 11.20
CA GLY B 82 -5.17 3.52 12.32
C GLY B 82 -4.30 2.28 12.35
N ILE B 83 -3.39 2.12 11.38
CA ILE B 83 -2.38 1.02 11.37
C ILE B 83 -1.08 1.57 11.96
N LYS B 84 -0.70 1.06 13.12
CA LYS B 84 0.56 1.45 13.82
C LYS B 84 1.74 0.83 13.07
N ASP B 85 2.76 1.63 12.77
CA ASP B 85 4.06 1.19 12.19
C ASP B 85 3.81 0.44 10.89
N ARG B 86 3.05 1.06 9.98
N ARG B 86 3.04 1.05 9.98
CA ARG B 86 2.95 0.61 8.56
CA ARG B 86 2.94 0.62 8.56
C ARG B 86 4.35 0.68 7.96
C ARG B 86 4.35 0.68 7.98
N VAL B 87 4.85 -0.42 7.38
CA VAL B 87 6.29 -0.50 6.97
C VAL B 87 6.39 -0.34 5.44
N TYR B 88 7.29 0.58 5.06
CA TYR B 88 7.66 0.92 3.67
C TYR B 88 9.02 0.29 3.40
N SER B 89 9.02 -0.83 2.67
CA SER B 89 10.21 -1.61 2.31
C SER B 89 10.50 -1.42 0.82
N ASN B 90 11.78 -1.31 0.47
CA ASN B 90 12.26 -1.15 -0.93
C ASN B 90 13.43 -2.10 -1.13
N SER B 91 13.52 -2.69 -2.33
CA SER B 91 14.51 -3.73 -2.68
C SER B 91 15.59 -3.14 -3.59
N ILE B 92 16.85 -3.49 -3.31
CA ILE B 92 18.05 -3.09 -4.10
C ILE B 92 18.38 -4.22 -5.08
N TYR B 93 18.68 -3.85 -6.34
CA TYR B 93 18.95 -4.80 -7.43
C TYR B 93 20.29 -4.45 -8.10
N GLU B 94 21.08 -5.48 -8.36
CA GLU B 94 22.27 -5.43 -9.25
C GLU B 94 21.79 -5.66 -10.69
N LEU B 95 22.20 -4.79 -11.60
CA LEU B 95 21.92 -4.89 -13.06
C LEU B 95 23.17 -5.45 -13.76
N LEU B 96 23.06 -6.64 -14.34
CA LEU B 96 24.19 -7.38 -14.96
C LEU B 96 24.29 -7.03 -16.45
N GLU B 97 25.53 -6.95 -16.95
CA GLU B 97 25.88 -6.74 -18.37
C GLU B 97 27.09 -7.64 -18.66
N ASN B 98 26.92 -8.64 -19.53
CA ASN B 98 27.95 -9.66 -19.88
C ASN B 98 28.36 -10.41 -18.59
N GLY B 99 27.38 -10.74 -17.74
CA GLY B 99 27.57 -11.56 -16.52
C GLY B 99 28.26 -10.81 -15.38
N GLN B 100 28.44 -9.49 -15.51
CA GLN B 100 29.17 -8.62 -14.55
C GLN B 100 28.24 -7.47 -14.13
N ARG B 101 28.35 -7.03 -12.87
CA ARG B 101 27.58 -5.88 -12.32
C ARG B 101 27.96 -4.60 -13.08
N ALA B 102 26.97 -3.91 -13.63
CA ALA B 102 27.10 -2.64 -14.37
C ALA B 102 26.51 -1.50 -13.53
N GLY B 103 25.64 -1.81 -12.56
CA GLY B 103 24.99 -0.80 -11.71
C GLY B 103 24.19 -1.42 -10.58
N THR B 104 23.92 -0.64 -9.52
CA THR B 104 23.08 -1.01 -8.36
C THR B 104 22.09 0.13 -8.10
N CYS B 105 20.81 -0.20 -7.88
CA CYS B 105 19.73 0.80 -7.68
C CYS B 105 18.54 0.21 -6.93
N VAL B 106 17.77 1.10 -6.31
CA VAL B 106 16.45 0.78 -5.70
C VAL B 106 15.44 0.81 -6.86
N LEU B 107 14.81 -0.33 -7.13
CA LEU B 107 14.01 -0.57 -8.37
C LEU B 107 12.72 -1.30 -8.01
N GLU B 108 11.61 -0.87 -8.60
CA GLU B 108 10.28 -1.52 -8.42
C GLU B 108 9.34 -1.09 -9.55
N TYR B 109 8.26 -1.84 -9.74
CA TYR B 109 7.14 -1.47 -10.64
C TYR B 109 6.23 -0.48 -9.91
N ALA B 110 5.53 0.37 -10.67
CA ALA B 110 4.38 1.16 -10.19
C ALA B 110 3.18 0.23 -10.04
N THR B 111 2.93 -0.25 -8.82
CA THR B 111 1.95 -1.33 -8.48
C THR B 111 0.55 -1.01 -9.01
N PRO B 112 0.08 0.26 -9.02
CA PRO B 112 -1.28 0.55 -9.50
C PRO B 112 -1.59 0.10 -10.94
N LEU B 113 -0.56 -0.10 -11.78
CA LEU B 113 -0.73 -0.62 -13.16
C LEU B 113 -1.33 -2.03 -13.11
N GLN B 114 -1.04 -2.79 -12.05
CA GLN B 114 -1.59 -4.16 -11.82
C GLN B 114 -3.12 -4.08 -11.69
N THR B 115 -3.64 -3.02 -11.08
CA THR B 115 -5.12 -2.76 -10.97
C THR B 115 -5.70 -2.57 -12.37
N LEU B 116 -5.04 -1.77 -13.23
CA LEU B 116 -5.48 -1.54 -14.63
C LEU B 116 -5.45 -2.87 -15.38
N PHE B 117 -4.44 -3.70 -15.13
CA PHE B 117 -4.27 -5.02 -15.81
C PHE B 117 -5.37 -5.98 -15.37
N ALA B 118 -5.57 -6.14 -14.05
CA ALA B 118 -6.61 -7.01 -13.46
C ALA B 118 -7.99 -6.60 -13.98
N MET B 119 -8.23 -5.29 -14.12
CA MET B 119 -9.51 -4.72 -14.63
C MET B 119 -9.77 -5.12 -16.09
N SER B 120 -8.75 -5.53 -16.86
CA SER B 120 -8.91 -5.80 -18.33
C SER B 120 -7.90 -6.82 -18.86
N GLN B 121 -7.67 -7.94 -18.18
CA GLN B 121 -6.86 -9.07 -18.70
C GLN B 121 -7.69 -9.84 -19.74
N TYR B 122 -8.96 -10.10 -19.45
CA TYR B 122 -9.93 -10.75 -20.37
C TYR B 122 -10.42 -9.70 -21.38
N SER B 128 -10.44 -3.45 -25.37
CA SER B 128 -10.13 -3.06 -23.97
C SER B 128 -8.61 -2.89 -23.77
N ARG B 129 -7.77 -3.64 -24.50
CA ARG B 129 -6.30 -3.48 -24.49
C ARG B 129 -5.93 -2.05 -24.92
N GLU B 130 -6.70 -1.47 -25.84
CA GLU B 130 -6.53 -0.08 -26.32
C GLU B 130 -6.83 0.90 -25.19
N ASP B 131 -7.93 0.68 -24.46
CA ASP B 131 -8.36 1.49 -23.29
C ASP B 131 -7.33 1.38 -22.16
N ARG B 132 -6.77 0.18 -21.93
CA ARG B 132 -5.74 -0.09 -20.88
C ARG B 132 -4.47 0.71 -21.21
N LEU B 133 -4.06 0.73 -22.48
CA LEU B 133 -2.89 1.51 -22.97
C LEU B 133 -3.15 3.00 -22.75
N GLU B 134 -4.38 3.48 -22.99
CA GLU B 134 -4.79 4.88 -22.77
C GLU B 134 -4.69 5.22 -21.27
N GLN B 135 -5.19 4.33 -20.41
CA GLN B 135 -5.21 4.53 -18.94
C GLN B 135 -3.77 4.52 -18.41
N ALA B 136 -2.92 3.61 -18.91
CA ALA B 136 -1.49 3.51 -18.53
C ALA B 136 -0.77 4.80 -18.89
N LYS B 137 -1.00 5.34 -20.08
CA LYS B 137 -0.40 6.60 -20.57
C LYS B 137 -0.86 7.76 -19.68
N LEU B 138 -2.16 7.80 -19.38
CA LEU B 138 -2.76 8.83 -18.49
C LEU B 138 -2.14 8.73 -17.09
N PHE B 139 -1.98 7.52 -16.55
CA PHE B 139 -1.34 7.28 -15.24
C PHE B 139 0.05 7.91 -15.22
N CYS B 140 0.87 7.62 -16.24
CA CYS B 140 2.27 8.12 -16.39
C CYS B 140 2.26 9.65 -16.51
N ARG B 141 1.44 10.19 -17.41
CA ARG B 141 1.33 11.64 -17.69
C ARG B 141 0.95 12.38 -16.40
N THR B 142 -0.07 11.90 -15.69
CA THR B 142 -0.58 12.51 -14.43
C THR B 142 0.50 12.47 -13.35
N LEU B 143 1.15 11.31 -13.15
CA LEU B 143 2.22 11.12 -12.14
C LEU B 143 3.40 12.05 -12.45
N GLU B 144 3.75 12.19 -13.74
CA GLU B 144 4.82 13.09 -14.23
C GLU B 144 4.51 14.53 -13.80
N ASP B 145 3.27 14.99 -14.00
CA ASP B 145 2.81 16.36 -13.67
C ASP B 145 2.86 16.59 -12.16
N ILE B 146 2.39 15.62 -11.36
CA ILE B 146 2.37 15.68 -9.86
C ILE B 146 3.81 15.87 -9.37
N LEU B 147 4.74 15.02 -9.82
CA LEU B 147 6.15 14.99 -9.36
C LEU B 147 6.90 16.23 -9.85
N ALA B 148 6.56 16.75 -11.03
CA ALA B 148 7.16 17.99 -11.61
C ALA B 148 6.91 19.17 -10.66
N ASP B 149 5.77 19.16 -9.96
CA ASP B 149 5.26 20.29 -9.13
C ASP B 149 5.52 20.03 -7.64
N ALA B 150 5.86 18.79 -7.24
CA ALA B 150 5.88 18.33 -5.83
C ALA B 150 7.23 18.62 -5.18
N PRO B 151 7.25 19.20 -3.95
CA PRO B 151 8.51 19.51 -3.26
C PRO B 151 9.29 18.28 -2.77
N GLU B 152 8.64 17.12 -2.65
CA GLU B 152 9.25 15.84 -2.21
C GLU B 152 10.13 15.27 -3.33
N SER B 153 9.76 15.52 -4.59
CA SER B 153 10.52 15.12 -5.81
C SER B 153 11.65 16.13 -6.07
N GLN B 154 12.88 15.77 -5.68
CA GLN B 154 14.09 16.63 -5.77
C GLN B 154 15.21 15.79 -6.38
N ASN B 155 15.05 15.37 -7.64
CA ASN B 155 16.06 14.55 -8.38
C ASN B 155 16.35 13.26 -7.57
N ASN B 156 15.32 12.66 -6.97
CA ASN B 156 15.43 11.44 -6.12
C ASN B 156 14.44 10.37 -6.60
N CYS B 157 13.85 10.56 -7.78
CA CYS B 157 12.79 9.69 -8.35
C CYS B 157 12.88 9.73 -9.88
N ARG B 158 12.92 8.57 -10.54
N ARG B 158 12.90 8.57 -10.54
CA ARG B 158 12.99 8.44 -12.02
CA ARG B 158 12.99 8.47 -12.03
C ARG B 158 11.91 7.47 -12.52
C ARG B 158 11.94 7.48 -12.55
N LEU B 159 10.97 7.99 -13.33
CA LEU B 159 9.94 7.18 -14.01
C LEU B 159 10.53 6.60 -15.30
N ILE B 160 10.44 5.28 -15.47
CA ILE B 160 10.91 4.53 -16.67
C ILE B 160 9.69 3.91 -17.36
N ALA B 161 9.11 4.64 -18.32
CA ALA B 161 7.93 4.21 -19.13
C ALA B 161 8.43 3.56 -20.42
N TYR B 162 7.89 2.39 -20.77
CA TYR B 162 8.33 1.61 -21.95
C TYR B 162 7.19 0.71 -22.48
N GLN B 163 7.24 0.43 -23.77
CA GLN B 163 6.49 -0.65 -24.46
C GLN B 163 7.46 -1.77 -24.85
N GLU B 164 7.07 -3.02 -24.64
CA GLU B 164 7.81 -4.22 -25.13
C GLU B 164 7.50 -4.42 -26.61
N PRO B 165 8.53 -4.67 -27.47
CA PRO B 165 8.33 -4.79 -28.92
C PRO B 165 7.70 -6.13 -29.35
N SER B 169 10.14 -11.42 -28.53
CA SER B 169 10.40 -11.04 -27.11
C SER B 169 11.88 -10.62 -26.94
N SER B 170 12.43 -9.86 -27.91
CA SER B 170 13.84 -9.39 -27.95
C SER B 170 13.96 -8.04 -27.23
N PHE B 171 13.74 -8.04 -25.91
CA PHE B 171 13.76 -6.83 -25.05
C PHE B 171 14.59 -7.11 -23.80
N SER B 172 15.41 -6.12 -23.39
CA SER B 172 16.25 -6.14 -22.17
C SER B 172 15.76 -5.05 -21.20
N LEU B 173 15.09 -5.45 -20.13
CA LEU B 173 14.61 -4.54 -19.05
C LEU B 173 15.83 -3.93 -18.35
N SER B 174 16.86 -4.74 -18.09
CA SER B 174 18.13 -4.32 -17.42
C SER B 174 18.81 -3.21 -18.24
N GLN B 175 18.89 -3.35 -19.57
CA GLN B 175 19.48 -2.32 -20.46
C GLN B 175 18.65 -1.05 -20.42
N GLU B 176 17.32 -1.17 -20.36
CA GLU B 176 16.38 0.00 -20.27
C GLU B 176 16.66 0.77 -18.98
N VAL B 177 16.84 0.07 -17.85
CA VAL B 177 17.14 0.69 -16.53
C VAL B 177 18.54 1.30 -16.58
N LEU B 178 19.53 0.58 -17.08
CA LEU B 178 20.95 1.03 -17.15
C LEU B 178 21.06 2.29 -18.01
N ARG B 179 20.27 2.38 -19.08
CA ARG B 179 20.19 3.58 -19.97
C ARG B 179 19.86 4.81 -19.10
N HIS B 180 18.81 4.70 -18.27
CA HIS B 180 18.32 5.78 -17.37
C HIS B 180 19.31 6.01 -16.22
N LEU B 181 19.83 4.93 -15.64
CA LEU B 181 20.77 4.97 -14.49
C LEU B 181 22.01 5.77 -14.88
N ARG B 182 22.56 5.54 -16.08
CA ARG B 182 23.81 6.16 -16.56
C ARG B 182 23.57 7.65 -16.85
N GLN B 183 22.39 8.00 -17.35
CA GLN B 183 22.02 9.42 -17.66
C GLN B 183 22.02 10.25 -16.38
N GLU B 184 21.61 9.67 -15.24
CA GLU B 184 21.52 10.38 -13.93
C GLU B 184 22.92 10.55 -13.33
N GLU B 185 23.76 9.51 -13.43
CA GLU B 185 25.14 9.47 -12.84
C GLU B 185 25.83 10.83 -13.03
N1 V5V C . -1.04 -2.15 0.74
N1 V5V C . -1.07 -2.15 0.75
N3 V5V C . -1.35 -1.92 4.46
N3 V5V C . -1.32 -1.93 4.48
C4 V5V C . -3.96 -0.01 -2.92
C4 V5V C . -4.18 0.02 -2.81
C5 V5V C . -2.59 -1.36 2.16
C5 V5V C . -2.58 -1.38 2.21
C6 V5V C . -1.34 -1.97 2.10
C6 V5V C . -1.33 -1.98 2.12
C7 V5V C . -2.12 -1.63 0.15
C7 V5V C . -2.16 -1.63 0.19
C8 V5V C . -2.57 -1.33 4.38
C8 V5V C . -2.53 -1.35 4.41
C10 V5V C . 0.91 1.33 -4.00
C10 V5V C . 0.84 1.36 -3.97
C13 V5V C . -0.52 1.59 -3.62
C13 V5V C . -0.61 1.61 -3.64
C15 V5V C . 2.98 1.31 -1.55
C15 V5V C . 2.94 1.32 -1.55
C17 V5V C . 1.35 2.32 -0.74
C17 V5V C . 1.33 2.32 -0.71
C20 V5V C . 3.18 0.33 2.65
C20 V5V C . 3.20 0.33 2.64
C21 V5V C . 1.43 -3.18 2.40
C21 V5V C . 1.45 -3.18 2.39
C22 V5V C . 2.37 -2.02 2.21
C22 V5V C . 2.39 -2.02 2.20
F1 V5V C . -5.46 1.53 0.82
F1 V5V C . -5.47 1.54 0.95
C V5V C . -4.23 1.00 0.63
C V5V C . -4.24 0.99 0.76
C3 V5V C . -3.73 1.33 -0.76
C3 V5V C . -3.76 1.31 -0.64
O1 V5V C . -3.94 2.69 -1.10
O1 V5V C . -3.91 2.67 -1.00
P V5V C . -2.81 3.78 -0.72
P V5V C . -2.84 3.80 -0.53
O3 V5V C . -3.26 5.18 -0.99
O3 V5V C . -2.39 3.58 0.88
S1 V5V C . -2.08 3.62 1.21
S1 V5V C . -3.58 5.73 -0.74
O6 V5V C . -1.63 3.35 -1.73
O6 V5V C . -1.62 3.52 -1.55
C14 V5V C . -1.76 3.71 -3.10
C14 V5V C . -1.86 3.70 -2.94
C12 V5V C . -0.58 3.09 -3.83
C12 V5V C . -0.67 3.13 -3.73
F V5V C . 1.03 1.46 -5.36
F V5V C . 1.01 1.49 -5.32
O5 V5V C . -1.50 0.92 -4.39
O5 V5V C . -1.52 1.00 -4.52
P1 V5V C . -1.75 -0.65 -4.07
P1 V5V C . -2.02 -0.49 -4.11
O7 V5V C . -0.46 -1.35 -3.76
O7 V5V C . -2.94 -1.00 -5.18
S V5V C . -2.70 -1.54 -5.68
S V5V C . -0.49 -1.82 -3.72
O2 V5V C . -2.68 -0.55 -2.75
O2 V5V C . -2.79 -0.16 -2.74
C2 V5V C . -4.59 0.38 -1.58
C2 V5V C . -4.70 0.40 -1.43
O V5V C . -4.71 -0.83 -0.81
O V5V C . -4.82 -0.82 -0.67
O4 V5V C . 0.65 3.60 -3.29
O4 V5V C . 0.57 3.62 -3.18
C11 V5V C . 1.61 2.49 -3.29
C11 V5V C . 1.54 2.53 -3.25
N5 V5V C . 1.95 2.09 -1.95
N5 V5V C . 1.91 2.10 -1.92
N6 V5V C . 1.90 1.78 0.35
N6 V5V C . 1.90 1.78 0.38
C16 V5V C . 3.00 1.09 -0.18
C16 V5V C . 2.99 1.10 -0.18
C19 V5V C . 4.05 0.30 0.32
C19 V5V C . 4.05 0.31 0.30
N8 V5V C . 4.94 -0.19 -0.57
N8 V5V C . 4.93 -0.18 -0.61
C18 V5V C . 4.78 0.10 -1.87
C18 V5V C . 4.75 0.12 -1.91
N7 V5V C . 3.83 0.85 -2.45
N7 V5V C . 3.80 0.86 -2.48
N9 V5V C . 4.17 -0.02 1.67
N9 V5V C . 4.18 -0.02 1.65
C23 V5V C . 2.24 -0.83 2.83
C23 V5V C . 2.26 -0.83 2.82
N4 V5V C . 0.54 -2.85 3.49
N4 V5V C . 0.56 -2.86 3.47
C9 V5V C . -0.71 -2.26 3.32
C9 V5V C . -0.68 -2.27 3.32
N2 V5V C . -3.26 -1.01 3.27
N2 V5V C . -3.24 -1.04 3.33
N V5V C . -3.11 -1.14 0.94
N V5V C . -3.13 -1.15 1.00
C1 V5V C . -4.37 -0.51 0.57
C1 V5V C . -4.41 -0.53 0.69
#